data_1SDQ
#
_entry.id   1SDQ
#
_cell.length_a   106.884
_cell.length_b   75.625
_cell.length_c   50.958
_cell.angle_alpha   90.00
_cell.angle_beta   90.00
_cell.angle_gamma   90.00
#
_symmetry.space_group_name_H-M   'P 21 21 21'
#
loop_
_entity.id
_entity.type
_entity.pdbx_description
1 polymer 'Cytochrome c peroxidase, mitochondrial'
2 non-polymer FE-(4-MESOPORPHYRINONE)-R-ISOMER
3 non-polymer 'NITRIC OXIDE'
4 water water
#
_entity_poly.entity_id   1
_entity_poly.type   'polypeptide(L)'
_entity_poly.pdbx_seq_one_letter_code
;TTPLVHVASVEKGRSYEDFQKVYNAIALKLREDDEYDNYIGYGPVLVRLAWHTSGTWDKHDNTGGSYGGTYRFKKEFNDP
SNAGLQNGFKFLEPIHKEFPWISSGDLFSLGGVTAVQEMQGPKIPWRCGRVDTPEDTTPDNGRLPDADKDADYVRTFFQR
LNMNDREVVALMGAHALGKTHLKNSGYEGPWGAANNVFTNEFYLNLLNEDWKLEKNDANNEQWDSKSGYMMLPTDYSLIQ
DPKYLSIVKEYANDQDKFFKDFSKAFEKLLENGITFPKDAPSPFIFKTLEEQGL
;
_entity_poly.pdbx_strand_id   A
#
# COMPACT_ATOMS: atom_id res chain seq x y z
N THR A 1 9.87 11.57 -25.45
CA THR A 1 8.86 10.51 -25.14
C THR A 1 9.58 9.22 -24.73
N THR A 2 10.89 9.18 -24.98
CA THR A 2 11.70 8.01 -24.64
C THR A 2 11.61 7.71 -23.16
N PRO A 3 11.59 6.42 -22.78
CA PRO A 3 11.51 6.03 -21.38
C PRO A 3 12.63 6.65 -20.53
N LEU A 4 12.25 7.59 -19.68
CA LEU A 4 13.20 8.27 -18.83
C LEU A 4 13.70 7.36 -17.70
N VAL A 5 14.87 7.71 -17.17
CA VAL A 5 15.47 6.95 -16.08
C VAL A 5 15.44 7.80 -14.81
N HIS A 6 14.95 7.22 -13.72
CA HIS A 6 14.89 7.93 -12.45
C HIS A 6 15.95 7.39 -11.51
N VAL A 7 17.03 8.14 -11.34
CA VAL A 7 18.12 7.71 -10.48
C VAL A 7 17.90 8.22 -9.06
N ALA A 8 17.96 7.30 -8.10
CA ALA A 8 17.79 7.66 -6.70
C ALA A 8 18.93 8.58 -6.27
N SER A 9 18.57 9.67 -5.60
CA SER A 9 19.55 10.64 -5.13
C SER A 9 19.29 10.91 -3.65
N VAL A 10 20.18 10.44 -2.81
CA VAL A 10 20.05 10.60 -1.36
C VAL A 10 19.91 12.07 -0.95
N GLU A 11 18.89 12.36 -0.13
CA GLU A 11 18.68 13.71 0.36
C GLU A 11 20.01 14.16 0.96
N LYS A 12 20.51 15.30 0.49
CA LYS A 12 21.80 15.82 0.91
C LYS A 12 22.26 15.60 2.36
N GLY A 13 23.30 14.80 2.51
CA GLY A 13 23.88 14.52 3.81
C GLY A 13 23.09 13.67 4.78
N ARG A 14 21.96 13.15 4.35
CA ARG A 14 21.12 12.33 5.23
C ARG A 14 21.57 10.87 5.29
N SER A 15 21.29 10.23 6.42
CA SER A 15 21.65 8.84 6.62
C SER A 15 20.55 8.12 7.40
N TYR A 16 20.81 6.86 7.75
CA TYR A 16 19.84 6.05 8.47
C TYR A 16 19.17 6.76 9.64
N GLU A 17 19.97 7.39 10.51
CA GLU A 17 19.42 8.07 11.68
C GLU A 17 18.38 9.13 11.33
N ASP A 18 18.61 9.87 10.25
CA ASP A 18 17.65 10.90 9.85
C ASP A 18 16.31 10.29 9.49
N PHE A 19 16.33 9.21 8.72
CA PHE A 19 15.08 8.58 8.32
C PHE A 19 14.41 7.86 9.48
N GLN A 20 15.19 7.34 10.43
CA GLN A 20 14.59 6.67 11.59
C GLN A 20 13.79 7.72 12.36
N LYS A 21 14.28 8.96 12.36
CA LYS A 21 13.59 10.04 13.05
C LYS A 21 12.25 10.34 12.39
N VAL A 22 12.21 10.29 11.06
CA VAL A 22 10.97 10.54 10.32
C VAL A 22 10.03 9.38 10.61
N TYR A 23 10.56 8.17 10.57
CA TYR A 23 9.78 6.97 10.86
C TYR A 23 9.15 7.12 12.24
N ASN A 24 9.97 7.52 13.22
CA ASN A 24 9.48 7.69 14.58
C ASN A 24 8.39 8.74 14.71
N ALA A 25 8.53 9.85 13.99
CA ALA A 25 7.54 10.91 14.03
C ALA A 25 6.21 10.39 13.47
N ILE A 26 6.30 9.60 12.40
CA ILE A 26 5.11 9.02 11.80
C ILE A 26 4.47 8.03 12.77
N ALA A 27 5.28 7.15 13.35
CA ALA A 27 4.80 6.15 14.30
C ALA A 27 4.18 6.77 15.55
N LEU A 28 4.78 7.84 16.04
CA LEU A 28 4.26 8.52 17.22
C LEU A 28 2.93 9.19 16.92
N LYS A 29 2.76 9.70 15.70
CA LYS A 29 1.49 10.34 15.34
C LYS A 29 0.42 9.26 15.11
N LEU A 30 0.84 8.09 14.65
CA LEU A 30 -0.10 6.99 14.44
C LEU A 30 -0.68 6.61 15.80
N ARG A 31 0.17 6.68 16.81
CA ARG A 31 -0.22 6.35 18.17
C ARG A 31 -1.12 7.44 18.77
N GLU A 32 -0.80 8.70 18.49
CA GLU A 32 -1.55 9.84 19.02
C GLU A 32 -2.95 10.02 18.42
N ASP A 33 -3.05 9.97 17.09
CA ASP A 33 -4.33 10.14 16.40
C ASP A 33 -5.02 8.79 16.23
N ASP A 34 -5.25 8.13 17.36
CA ASP A 34 -5.86 6.80 17.40
C ASP A 34 -7.36 6.71 17.14
N GLU A 35 -8.06 7.84 17.23
CA GLU A 35 -9.50 7.87 17.04
C GLU A 35 -9.98 7.78 15.59
N TYR A 36 -9.13 8.19 14.65
CA TYR A 36 -9.47 8.19 13.23
C TYR A 36 -10.19 6.94 12.74
N ASP A 37 -11.20 7.15 11.90
CA ASP A 37 -12.00 6.07 11.32
C ASP A 37 -12.49 5.08 12.37
N ASN A 38 -13.26 5.57 13.32
CA ASN A 38 -13.80 4.73 14.40
C ASN A 38 -12.73 3.90 15.09
N TYR A 39 -11.64 4.56 15.44
CA TYR A 39 -10.50 3.96 16.14
C TYR A 39 -9.70 2.90 15.40
N ILE A 40 -9.77 2.93 14.08
CA ILE A 40 -8.99 1.99 13.28
C ILE A 40 -7.57 2.59 13.25
N GLY A 41 -7.52 3.91 13.20
CA GLY A 41 -6.23 4.58 13.16
C GLY A 41 -5.84 4.86 11.72
N TYR A 42 -4.79 5.65 11.53
CA TYR A 42 -4.32 6.00 10.19
C TYR A 42 -3.44 4.97 9.50
N GLY A 43 -3.13 3.87 10.19
CA GLY A 43 -2.27 2.85 9.60
C GLY A 43 -2.71 2.37 8.22
N PRO A 44 -3.92 1.82 8.11
CA PRO A 44 -4.43 1.32 6.84
C PRO A 44 -4.45 2.34 5.69
N VAL A 45 -4.93 3.54 5.96
CA VAL A 45 -4.98 4.54 4.89
C VAL A 45 -3.57 4.94 4.43
N LEU A 46 -2.60 4.91 5.32
CA LEU A 46 -1.24 5.25 4.93
C LEU A 46 -0.66 4.17 4.02
N VAL A 47 -1.08 2.92 4.25
CA VAL A 47 -0.61 1.82 3.42
C VAL A 47 -1.24 1.98 2.05
N ARG A 48 -2.54 2.28 2.01
CA ARG A 48 -3.23 2.47 0.74
C ARG A 48 -2.60 3.65 -0.02
N LEU A 49 -2.23 4.69 0.71
CA LEU A 49 -1.60 5.86 0.08
C LEU A 49 -0.27 5.46 -0.56
N ALA A 50 0.54 4.71 0.16
CA ALA A 50 1.84 4.28 -0.34
C ALA A 50 1.66 3.46 -1.62
N TRP A 51 0.66 2.59 -1.61
CA TRP A 51 0.37 1.75 -2.77
C TRP A 51 -0.16 2.56 -3.95
N HIS A 52 -1.13 3.43 -3.72
CA HIS A 52 -1.68 4.23 -4.81
C HIS A 52 -0.69 5.19 -5.44
N THR A 53 0.27 5.68 -4.66
CA THR A 53 1.26 6.59 -5.22
C THR A 53 2.33 5.81 -6.00
N SER A 54 2.38 4.50 -5.78
CA SER A 54 3.35 3.64 -6.47
C SER A 54 2.69 2.87 -7.64
N GLY A 55 1.42 2.53 -7.46
CA GLY A 55 0.70 1.75 -8.45
C GLY A 55 0.37 2.33 -9.80
N THR A 56 0.77 3.58 -10.03
CA THR A 56 0.50 4.25 -11.30
C THR A 56 1.59 3.90 -12.30
N TRP A 57 2.62 3.22 -11.82
CA TRP A 57 3.76 2.84 -12.63
C TRP A 57 3.41 1.98 -13.84
N ASP A 58 4.12 2.22 -14.94
CA ASP A 58 3.94 1.44 -16.16
C ASP A 58 5.34 0.99 -16.55
N LYS A 59 5.61 -0.31 -16.47
CA LYS A 59 6.93 -0.84 -16.79
C LYS A 59 7.35 -0.56 -18.24
N HIS A 60 6.38 -0.35 -19.11
CA HIS A 60 6.68 -0.11 -20.52
C HIS A 60 7.40 1.19 -20.85
N ASP A 61 7.14 2.25 -20.08
CA ASP A 61 7.81 3.52 -20.35
C ASP A 61 8.30 4.23 -19.09
N ASN A 62 8.16 3.54 -17.96
CA ASN A 62 8.59 4.05 -16.66
C ASN A 62 7.89 5.34 -16.22
N THR A 63 6.66 5.54 -16.67
CA THR A 63 5.90 6.70 -16.27
C THR A 63 5.21 6.34 -14.97
N GLY A 64 4.79 7.34 -14.19
CA GLY A 64 4.14 7.06 -12.93
C GLY A 64 5.16 6.53 -11.93
N GLY A 65 4.68 5.83 -10.90
CA GLY A 65 5.61 5.30 -9.91
C GLY A 65 5.77 6.19 -8.69
N SER A 66 6.44 5.66 -7.67
CA SER A 66 6.66 6.38 -6.42
C SER A 66 7.72 7.46 -6.45
N TYR A 67 8.62 7.37 -7.42
CA TYR A 67 9.73 8.32 -7.52
C TYR A 67 9.37 9.80 -7.43
N GLY A 68 8.49 10.26 -8.32
CA GLY A 68 8.12 11.67 -8.37
C GLY A 68 7.27 12.31 -7.28
N GLY A 69 6.55 11.50 -6.52
CA GLY A 69 5.71 12.04 -5.47
C GLY A 69 4.67 12.98 -6.05
N THR A 70 4.17 12.64 -7.24
CA THR A 70 3.20 13.46 -7.94
C THR A 70 1.79 13.54 -7.35
N TYR A 71 1.50 12.74 -6.34
CA TYR A 71 0.18 12.77 -5.71
C TYR A 71 -0.09 14.16 -5.14
N ARG A 72 0.97 14.93 -4.92
CA ARG A 72 0.82 16.27 -4.37
C ARG A 72 0.19 17.23 -5.38
N PHE A 73 0.07 16.79 -6.63
CA PHE A 73 -0.52 17.62 -7.67
C PHE A 73 -2.00 17.28 -7.87
N LYS A 74 -2.80 18.32 -8.08
CA LYS A 74 -4.24 18.22 -8.26
C LYS A 74 -4.77 17.07 -9.12
N LYS A 75 -4.23 16.89 -10.32
CA LYS A 75 -4.71 15.83 -11.20
C LYS A 75 -4.76 14.47 -10.50
N GLU A 76 -3.65 14.08 -9.89
CA GLU A 76 -3.56 12.80 -9.20
C GLU A 76 -4.30 12.82 -7.87
N PHE A 77 -4.19 13.94 -7.17
CA PHE A 77 -4.85 14.13 -5.88
C PHE A 77 -6.35 13.91 -6.03
N ASN A 78 -6.89 14.33 -7.18
CA ASN A 78 -8.33 14.21 -7.43
C ASN A 78 -8.73 12.98 -8.24
N ASP A 79 -7.82 12.03 -8.40
CA ASP A 79 -8.14 10.81 -9.12
C ASP A 79 -9.26 10.12 -8.34
N PRO A 80 -10.36 9.76 -9.01
CA PRO A 80 -11.46 9.10 -8.29
C PRO A 80 -10.97 7.86 -7.54
N SER A 81 -9.92 7.23 -8.07
CA SER A 81 -9.34 6.04 -7.46
C SER A 81 -8.67 6.37 -6.14
N ASN A 82 -8.34 7.64 -5.94
CA ASN A 82 -7.67 8.06 -4.71
C ASN A 82 -8.60 8.74 -3.70
N ALA A 83 -9.90 8.66 -3.92
CA ALA A 83 -10.85 9.27 -3.01
C ALA A 83 -10.65 8.75 -1.60
N GLY A 84 -10.50 9.66 -0.65
CA GLY A 84 -10.29 9.26 0.73
C GLY A 84 -8.85 9.33 1.20
N LEU A 85 -7.91 9.31 0.25
CA LEU A 85 -6.49 9.37 0.61
C LEU A 85 -6.08 10.74 1.10
N GLN A 86 -6.95 11.73 0.95
CA GLN A 86 -6.63 13.08 1.43
C GLN A 86 -6.41 13.03 2.93
N ASN A 87 -7.02 12.05 3.60
CA ASN A 87 -6.86 11.91 5.04
C ASN A 87 -5.42 11.50 5.36
N GLY A 88 -4.85 10.65 4.52
CA GLY A 88 -3.48 10.21 4.72
C GLY A 88 -2.53 11.36 4.46
N PHE A 89 -2.80 12.12 3.40
CA PHE A 89 -1.96 13.25 3.04
C PHE A 89 -1.97 14.28 4.17
N LYS A 90 -3.14 14.54 4.73
CA LYS A 90 -3.26 15.50 5.82
C LYS A 90 -2.48 15.03 7.03
N PHE A 91 -2.48 13.72 7.25
CA PHE A 91 -1.75 13.14 8.37
C PHE A 91 -0.26 13.39 8.21
N LEU A 92 0.24 13.23 6.99
CA LEU A 92 1.65 13.42 6.72
C LEU A 92 2.11 14.89 6.65
N GLU A 93 1.16 15.81 6.54
CA GLU A 93 1.49 17.23 6.46
C GLU A 93 2.40 17.72 7.60
N PRO A 94 1.98 17.50 8.86
CA PRO A 94 2.85 17.95 9.96
C PRO A 94 4.21 17.26 9.96
N ILE A 95 4.24 16.03 9.45
CA ILE A 95 5.48 15.28 9.38
C ILE A 95 6.43 15.95 8.38
N HIS A 96 5.89 16.30 7.21
CA HIS A 96 6.70 16.94 6.18
C HIS A 96 7.14 18.33 6.62
N LYS A 97 6.33 18.98 7.43
CA LYS A 97 6.67 20.31 7.92
C LYS A 97 7.87 20.23 8.86
N GLU A 98 7.92 19.19 9.68
CA GLU A 98 9.02 19.03 10.62
C GLU A 98 10.28 18.55 9.91
N PHE A 99 10.12 17.77 8.85
CA PHE A 99 11.25 17.27 8.09
C PHE A 99 11.08 17.67 6.62
N PRO A 100 11.16 18.98 6.34
CA PRO A 100 11.00 19.49 4.98
C PRO A 100 12.03 18.99 3.97
N TRP A 101 13.11 18.37 4.46
CA TRP A 101 14.16 17.88 3.61
C TRP A 101 13.84 16.56 2.89
N ILE A 102 12.87 15.81 3.40
CA ILE A 102 12.52 14.54 2.76
C ILE A 102 11.66 14.80 1.53
N SER A 103 11.89 14.03 0.47
CA SER A 103 11.12 14.18 -0.76
C SER A 103 9.71 13.65 -0.55
N SER A 104 8.78 14.07 -1.39
CA SER A 104 7.40 13.61 -1.25
C SER A 104 7.28 12.11 -1.48
N GLY A 105 8.00 11.60 -2.48
CA GLY A 105 7.97 10.19 -2.78
C GLY A 105 8.50 9.36 -1.63
N ASP A 106 9.61 9.81 -1.03
CA ASP A 106 10.18 9.11 0.11
C ASP A 106 9.21 9.13 1.29
N LEU A 107 8.53 10.26 1.49
CA LEU A 107 7.59 10.35 2.60
C LEU A 107 6.35 9.47 2.40
N PHE A 108 5.77 9.50 1.21
CA PHE A 108 4.58 8.68 0.94
C PHE A 108 4.89 7.20 1.12
N SER A 109 6.03 6.76 0.57
CA SER A 109 6.41 5.35 0.68
C SER A 109 6.80 4.97 2.11
N LEU A 110 7.55 5.85 2.78
CA LEU A 110 7.95 5.58 4.16
C LEU A 110 6.73 5.50 5.08
N GLY A 111 5.69 6.26 4.75
CA GLY A 111 4.48 6.23 5.55
C GLY A 111 3.90 4.81 5.52
N GLY A 112 3.92 4.20 4.34
CA GLY A 112 3.41 2.85 4.20
C GLY A 112 4.23 1.83 4.97
N VAL A 113 5.55 1.96 4.89
CA VAL A 113 6.44 1.06 5.61
C VAL A 113 6.23 1.20 7.12
N THR A 114 6.20 2.44 7.60
CA THR A 114 6.00 2.70 9.02
C THR A 114 4.70 2.10 9.52
N ALA A 115 3.63 2.29 8.76
CA ALA A 115 2.32 1.76 9.13
C ALA A 115 2.33 0.24 9.26
N VAL A 116 2.87 -0.45 8.26
CA VAL A 116 2.91 -1.90 8.29
C VAL A 116 3.69 -2.40 9.52
N GLN A 117 4.87 -1.83 9.74
CA GLN A 117 5.70 -2.24 10.87
C GLN A 117 5.07 -1.95 12.23
N GLU A 118 4.50 -0.76 12.39
CA GLU A 118 3.88 -0.38 13.66
C GLU A 118 2.63 -1.22 13.93
N MET A 119 2.00 -1.71 12.87
CA MET A 119 0.82 -2.55 13.05
C MET A 119 1.21 -4.02 13.21
N GLN A 120 2.47 -4.23 13.60
CA GLN A 120 3.02 -5.55 13.86
C GLN A 120 3.23 -6.44 12.64
N GLY A 121 3.36 -5.80 11.47
CA GLY A 121 3.59 -6.56 10.26
C GLY A 121 5.07 -6.85 10.11
N PRO A 122 5.49 -7.41 8.96
CA PRO A 122 6.91 -7.71 8.76
C PRO A 122 7.73 -6.45 8.55
N LYS A 123 9.04 -6.57 8.77
CA LYS A 123 9.93 -5.44 8.53
C LYS A 123 9.95 -5.28 7.01
N ILE A 124 9.97 -4.04 6.54
CA ILE A 124 10.01 -3.77 5.11
C ILE A 124 11.26 -2.96 4.84
N PRO A 125 12.27 -3.54 4.18
CA PRO A 125 13.47 -2.76 3.90
C PRO A 125 13.02 -1.58 3.06
N TRP A 126 13.61 -0.40 3.28
CA TRP A 126 13.22 0.79 2.54
C TRP A 126 14.44 1.58 2.10
N ARG A 127 14.42 2.08 0.86
CA ARG A 127 15.53 2.86 0.35
C ARG A 127 15.10 4.29 0.08
N CYS A 128 15.98 5.23 0.37
CA CYS A 128 15.69 6.65 0.17
C CYS A 128 16.20 7.06 -1.21
N GLY A 129 15.91 8.30 -1.59
CA GLY A 129 16.40 8.76 -2.88
C GLY A 129 15.40 9.20 -3.93
N ARG A 130 14.12 9.04 -3.66
CA ARG A 130 13.11 9.46 -4.63
C ARG A 130 13.22 10.99 -4.70
N VAL A 131 13.06 11.54 -5.91
CA VAL A 131 13.17 12.97 -6.10
C VAL A 131 11.91 13.55 -6.71
N ASP A 132 11.41 14.66 -6.14
CA ASP A 132 10.21 15.29 -6.66
C ASP A 132 10.38 15.69 -8.12
N THR A 133 9.36 15.44 -8.93
CA THR A 133 9.39 15.81 -10.33
C THR A 133 8.24 16.80 -10.61
N PRO A 134 8.34 17.58 -11.69
CA PRO A 134 7.35 18.58 -12.10
C PRO A 134 5.92 18.09 -12.22
N GLU A 135 4.97 19.03 -12.20
CA GLU A 135 3.55 18.71 -12.30
C GLU A 135 3.20 18.04 -13.62
N ASP A 136 3.95 18.34 -14.68
CA ASP A 136 3.67 17.75 -15.98
C ASP A 136 4.09 16.28 -16.07
N THR A 137 4.71 15.78 -15.00
CA THR A 137 5.13 14.37 -14.97
C THR A 137 4.06 13.54 -14.27
N THR A 138 3.02 14.20 -13.78
CA THR A 138 1.92 13.52 -13.10
C THR A 138 1.16 12.61 -14.05
N PRO A 139 1.02 11.31 -13.70
CA PRO A 139 0.30 10.40 -14.58
C PRO A 139 -1.20 10.68 -14.60
N ASP A 140 -1.84 10.43 -15.74
CA ASP A 140 -3.28 10.64 -15.89
C ASP A 140 -4.02 9.66 -15.00
N ASN A 141 -5.27 9.98 -14.67
CA ASN A 141 -6.08 9.09 -13.84
C ASN A 141 -6.41 7.84 -14.67
N GLY A 142 -6.75 6.76 -13.98
CA GLY A 142 -7.12 5.54 -14.68
C GLY A 142 -6.07 4.45 -14.74
N ARG A 143 -4.94 4.65 -14.06
CA ARG A 143 -3.87 3.66 -14.06
C ARG A 143 -4.00 2.68 -12.89
N LEU A 144 -4.81 3.05 -11.91
CA LEU A 144 -5.02 2.18 -10.75
C LEU A 144 -6.11 1.17 -11.11
N PRO A 145 -6.03 -0.06 -10.57
CA PRO A 145 -7.02 -1.09 -10.89
C PRO A 145 -8.44 -0.94 -10.35
N ASP A 146 -9.35 -1.69 -10.94
CA ASP A 146 -10.76 -1.71 -10.54
C ASP A 146 -10.98 -2.89 -9.61
N ALA A 147 -12.03 -2.83 -8.80
CA ALA A 147 -12.33 -3.90 -7.85
C ALA A 147 -13.53 -4.77 -8.24
N ASP A 148 -14.18 -4.46 -9.35
CA ASP A 148 -15.36 -5.20 -9.79
C ASP A 148 -15.06 -6.21 -10.90
N LYS A 149 -13.80 -6.63 -11.01
CA LYS A 149 -13.39 -7.56 -12.05
C LYS A 149 -13.06 -8.96 -11.55
N ASP A 150 -12.65 -9.83 -12.47
CA ASP A 150 -12.29 -11.21 -12.14
C ASP A 150 -10.79 -11.46 -12.10
N ALA A 151 -10.42 -12.72 -11.85
CA ALA A 151 -9.02 -13.12 -11.76
C ALA A 151 -8.18 -12.82 -13.00
N ASP A 152 -8.77 -13.01 -14.18
CA ASP A 152 -8.03 -12.74 -15.41
C ASP A 152 -7.64 -11.27 -15.50
N TYR A 153 -8.55 -10.40 -15.07
CA TYR A 153 -8.29 -8.95 -15.08
C TYR A 153 -7.14 -8.65 -14.13
N VAL A 154 -7.22 -9.20 -12.92
CA VAL A 154 -6.20 -8.98 -11.91
C VAL A 154 -4.82 -9.41 -12.40
N ARG A 155 -4.75 -10.64 -12.91
CA ARG A 155 -3.48 -11.16 -13.41
C ARG A 155 -2.90 -10.28 -14.50
N THR A 156 -3.73 -9.93 -15.48
CA THR A 156 -3.26 -9.09 -16.58
C THR A 156 -2.89 -7.69 -16.11
N PHE A 157 -3.71 -7.09 -15.24
CA PHE A 157 -3.41 -5.75 -14.77
C PHE A 157 -2.05 -5.66 -14.09
N PHE A 158 -1.80 -6.56 -13.14
CA PHE A 158 -0.54 -6.51 -12.40
C PHE A 158 0.73 -6.82 -13.18
N GLN A 159 0.58 -7.31 -14.41
CA GLN A 159 1.76 -7.57 -15.23
C GLN A 159 2.39 -6.24 -15.61
N ARG A 160 1.58 -5.18 -15.62
CA ARG A 160 2.07 -3.84 -15.95
C ARG A 160 2.97 -3.31 -14.83
N LEU A 161 2.80 -3.84 -13.63
CA LEU A 161 3.61 -3.46 -12.48
C LEU A 161 4.67 -4.53 -12.24
N ASN A 162 4.84 -5.40 -13.22
CA ASN A 162 5.82 -6.49 -13.16
C ASN A 162 5.65 -7.39 -11.94
N MET A 163 4.41 -7.72 -11.61
CA MET A 163 4.12 -8.60 -10.48
C MET A 163 3.55 -9.92 -10.97
N ASN A 164 4.01 -11.03 -10.40
CA ASN A 164 3.53 -12.34 -10.79
C ASN A 164 2.42 -12.81 -9.85
N ASP A 165 1.94 -14.04 -10.04
CA ASP A 165 0.85 -14.57 -9.22
C ASP A 165 1.10 -14.51 -7.71
N ARG A 166 2.26 -14.97 -7.27
CA ARG A 166 2.59 -14.97 -5.84
C ARG A 166 2.67 -13.54 -5.30
N GLU A 167 3.28 -12.64 -6.07
CA GLU A 167 3.41 -11.25 -5.65
C GLU A 167 2.04 -10.59 -5.50
N VAL A 168 1.15 -10.86 -6.43
CA VAL A 168 -0.19 -10.30 -6.38
C VAL A 168 -0.96 -10.81 -5.17
N VAL A 169 -0.96 -12.14 -4.98
CA VAL A 169 -1.67 -12.71 -3.86
C VAL A 169 -1.10 -12.22 -2.53
N ALA A 170 0.23 -12.10 -2.47
CA ALA A 170 0.87 -11.60 -1.24
C ALA A 170 0.45 -10.16 -0.95
N LEU A 171 0.51 -9.30 -1.97
CA LEU A 171 0.14 -7.89 -1.80
C LEU A 171 -1.31 -7.73 -1.35
N MET A 172 -2.22 -8.49 -1.94
CA MET A 172 -3.62 -8.40 -1.57
C MET A 172 -3.88 -8.72 -0.10
N GLY A 173 -2.95 -9.43 0.52
CA GLY A 173 -3.11 -9.78 1.93
C GLY A 173 -3.21 -8.55 2.81
N ALA A 174 -2.78 -7.41 2.29
CA ALA A 174 -2.84 -6.17 3.05
C ALA A 174 -4.29 -5.76 3.28
N HIS A 175 -5.21 -6.42 2.58
CA HIS A 175 -6.62 -6.09 2.75
C HIS A 175 -7.15 -6.57 4.09
N ALA A 176 -6.26 -7.13 4.90
CA ALA A 176 -6.64 -7.55 6.24
C ALA A 176 -6.81 -6.23 7.02
N LEU A 177 -6.19 -5.19 6.49
CA LEU A 177 -6.20 -3.85 7.10
C LEU A 177 -7.34 -2.92 6.69
N GLY A 178 -7.76 -2.06 7.62
CA GLY A 178 -8.79 -1.09 7.35
C GLY A 178 -10.13 -1.62 6.87
N LYS A 179 -10.77 -0.85 6.00
CA LYS A 179 -12.08 -1.23 5.47
C LYS A 179 -12.43 -0.44 4.22
N THR A 180 -13.49 -0.86 3.55
CA THR A 180 -13.96 -0.14 2.36
C THR A 180 -14.98 0.86 2.91
N HIS A 181 -15.04 2.04 2.32
CA HIS A 181 -15.98 3.07 2.74
C HIS A 181 -16.84 3.42 1.54
N LEU A 182 -18.15 3.20 1.66
CA LEU A 182 -19.06 3.45 0.56
C LEU A 182 -18.81 4.79 -0.14
N LYS A 183 -18.59 5.84 0.63
CA LYS A 183 -18.35 7.17 0.07
C LYS A 183 -17.09 7.28 -0.79
N ASN A 184 -16.07 6.49 -0.48
CA ASN A 184 -14.82 6.54 -1.24
C ASN A 184 -14.75 5.64 -2.47
N SER A 185 -15.21 4.40 -2.33
CA SER A 185 -15.10 3.43 -3.41
C SER A 185 -16.37 2.73 -3.89
N GLY A 186 -17.48 2.95 -3.21
CA GLY A 186 -18.71 2.29 -3.63
C GLY A 186 -18.82 0.90 -3.05
N TYR A 187 -18.03 0.64 -2.00
CA TYR A 187 -18.03 -0.65 -1.31
C TYR A 187 -18.06 -0.33 0.18
N GLU A 188 -18.63 -1.23 0.98
CA GLU A 188 -18.70 -0.98 2.41
C GLU A 188 -18.43 -2.20 3.28
N GLY A 189 -17.62 -2.01 4.31
CA GLY A 189 -17.31 -3.09 5.22
C GLY A 189 -15.85 -3.46 5.31
N PRO A 190 -15.45 -4.09 6.43
CA PRO A 190 -14.07 -4.52 6.67
C PRO A 190 -13.87 -5.95 6.14
N TRP A 191 -12.62 -6.34 5.92
CA TRP A 191 -12.32 -7.69 5.43
C TRP A 191 -12.16 -8.65 6.61
N GLY A 192 -11.95 -8.10 7.81
CA GLY A 192 -11.79 -8.96 8.97
C GLY A 192 -11.97 -8.24 10.29
N ALA A 193 -11.52 -8.89 11.37
CA ALA A 193 -11.65 -8.33 12.70
C ALA A 193 -10.45 -7.49 13.16
N ALA A 194 -9.25 -7.89 12.75
CA ALA A 194 -8.02 -7.18 13.13
C ALA A 194 -7.68 -6.06 12.15
N ASN A 195 -8.57 -5.08 12.10
CA ASN A 195 -8.50 -3.90 11.24
C ASN A 195 -7.19 -3.13 11.26
N ASN A 196 -6.51 -3.08 12.41
CA ASN A 196 -5.25 -2.35 12.48
C ASN A 196 -4.05 -3.16 12.95
N VAL A 197 -4.14 -4.48 12.78
CA VAL A 197 -3.05 -5.39 13.14
C VAL A 197 -2.77 -6.21 11.87
N PHE A 198 -1.52 -6.20 11.43
CA PHE A 198 -1.13 -6.92 10.22
C PHE A 198 -0.97 -8.42 10.47
N THR A 199 -1.86 -9.22 9.90
CA THR A 199 -1.80 -10.69 10.05
C THR A 199 -2.24 -11.29 8.73
N ASN A 200 -2.29 -12.62 8.67
CA ASN A 200 -2.72 -13.30 7.45
C ASN A 200 -4.21 -13.58 7.47
N GLU A 201 -4.95 -12.82 8.26
CA GLU A 201 -6.40 -13.01 8.39
C GLU A 201 -7.18 -12.93 7.07
N PHE A 202 -6.69 -12.15 6.13
CA PHE A 202 -7.38 -12.00 4.83
C PHE A 202 -7.58 -13.37 4.17
N TYR A 203 -6.54 -14.19 4.18
CA TYR A 203 -6.58 -15.52 3.56
C TYR A 203 -7.45 -16.50 4.35
N LEU A 204 -7.37 -16.43 5.68
CA LEU A 204 -8.17 -17.31 6.51
C LEU A 204 -9.64 -16.99 6.29
N ASN A 205 -10.00 -15.71 6.23
CA ASN A 205 -11.39 -15.33 6.03
C ASN A 205 -11.91 -15.77 4.67
N LEU A 206 -11.09 -15.60 3.63
CA LEU A 206 -11.51 -16.02 2.29
C LEU A 206 -11.89 -17.50 2.28
N LEU A 207 -11.07 -18.31 2.93
CA LEU A 207 -11.27 -19.75 2.97
C LEU A 207 -12.29 -20.28 3.98
N ASN A 208 -12.38 -19.63 5.13
CA ASN A 208 -13.27 -20.10 6.20
C ASN A 208 -14.65 -19.47 6.36
N GLU A 209 -14.83 -18.25 5.89
CA GLU A 209 -16.13 -17.60 6.02
C GLU A 209 -17.13 -18.11 4.97
N ASP A 210 -18.41 -17.99 5.29
CA ASP A 210 -19.47 -18.38 4.37
C ASP A 210 -19.86 -17.11 3.64
N TRP A 211 -19.40 -16.97 2.41
CA TRP A 211 -19.67 -15.77 1.62
C TRP A 211 -20.92 -15.82 0.75
N LYS A 212 -21.61 -14.69 0.68
CA LYS A 212 -22.83 -14.53 -0.11
C LYS A 212 -22.66 -13.29 -1.00
N LEU A 213 -22.94 -13.45 -2.29
CA LEU A 213 -22.82 -12.33 -3.21
C LEU A 213 -24.05 -11.44 -3.09
N GLU A 214 -23.84 -10.23 -2.56
CA GLU A 214 -24.96 -9.31 -2.37
C GLU A 214 -24.68 -7.95 -3.00
N LYS A 215 -25.68 -7.08 -2.99
CA LYS A 215 -25.52 -5.74 -3.52
C LYS A 215 -25.53 -4.75 -2.37
N ASN A 216 -24.56 -3.85 -2.33
CA ASN A 216 -24.49 -2.86 -1.26
C ASN A 216 -25.38 -1.67 -1.59
N ASP A 217 -25.35 -0.66 -0.72
CA ASP A 217 -26.18 0.53 -0.91
C ASP A 217 -25.80 1.39 -2.11
N ALA A 218 -24.68 1.07 -2.75
CA ALA A 218 -24.24 1.83 -3.92
C ALA A 218 -24.60 1.05 -5.18
N ASN A 219 -25.34 -0.03 -5.00
CA ASN A 219 -25.79 -0.90 -6.09
C ASN A 219 -24.64 -1.67 -6.74
N ASN A 220 -23.60 -1.95 -5.96
CA ASN A 220 -22.46 -2.71 -6.45
C ASN A 220 -22.42 -4.05 -5.74
N GLU A 221 -21.97 -5.10 -6.44
CA GLU A 221 -21.90 -6.40 -5.83
C GLU A 221 -20.63 -6.57 -5.02
N GLN A 222 -20.75 -7.26 -3.89
CA GLN A 222 -19.62 -7.55 -3.02
C GLN A 222 -20.00 -8.79 -2.22
N TRP A 223 -19.00 -9.54 -1.78
CA TRP A 223 -19.25 -10.76 -1.02
C TRP A 223 -19.28 -10.48 0.48
N ASP A 224 -20.37 -10.88 1.12
CA ASP A 224 -20.57 -10.66 2.56
C ASP A 224 -20.68 -11.96 3.38
N SER A 225 -20.30 -11.89 4.64
CA SER A 225 -20.35 -13.03 5.57
C SER A 225 -21.12 -12.58 6.81
N LYS A 226 -21.79 -13.54 7.46
CA LYS A 226 -22.56 -13.23 8.65
C LYS A 226 -21.72 -12.61 9.75
N SER A 227 -20.41 -12.80 9.67
CA SER A 227 -19.49 -12.25 10.67
C SER A 227 -19.35 -10.73 10.53
N GLY A 228 -19.85 -10.18 9.43
CA GLY A 228 -19.76 -8.75 9.22
C GLY A 228 -18.56 -8.36 8.38
N TYR A 229 -18.02 -9.33 7.65
CA TYR A 229 -16.86 -9.09 6.79
C TYR A 229 -17.32 -9.04 5.34
N MET A 230 -16.47 -8.50 4.49
CA MET A 230 -16.77 -8.42 3.06
C MET A 230 -15.51 -8.66 2.25
N MET A 231 -15.71 -8.98 0.98
CA MET A 231 -14.62 -9.22 0.04
C MET A 231 -15.03 -8.58 -1.28
N LEU A 232 -14.10 -7.92 -1.93
CA LEU A 232 -14.38 -7.29 -3.22
C LEU A 232 -14.41 -8.41 -4.25
N PRO A 233 -15.04 -8.16 -5.41
CA PRO A 233 -15.08 -9.21 -6.42
C PRO A 233 -13.65 -9.68 -6.77
N THR A 234 -12.70 -8.76 -6.76
CA THR A 234 -11.31 -9.10 -7.07
C THR A 234 -10.69 -9.93 -5.95
N ASP A 235 -11.07 -9.65 -4.70
CA ASP A 235 -10.55 -10.42 -3.58
C ASP A 235 -11.03 -11.86 -3.71
N TYR A 236 -12.34 -12.01 -3.95
CA TYR A 236 -12.94 -13.32 -4.08
C TYR A 236 -12.41 -14.10 -5.28
N SER A 237 -11.97 -13.40 -6.32
CA SER A 237 -11.44 -14.07 -7.50
C SER A 237 -10.19 -14.87 -7.14
N LEU A 238 -9.58 -14.54 -6.01
CA LEU A 238 -8.37 -15.24 -5.58
C LEU A 238 -8.64 -16.67 -5.15
N ILE A 239 -9.91 -17.00 -4.87
CA ILE A 239 -10.23 -18.37 -4.51
C ILE A 239 -11.01 -19.04 -5.63
N GLN A 240 -11.36 -18.26 -6.66
CA GLN A 240 -12.07 -18.79 -7.81
C GLN A 240 -11.06 -19.31 -8.84
N ASP A 241 -9.94 -18.62 -8.96
CA ASP A 241 -8.88 -18.99 -9.88
C ASP A 241 -8.05 -20.09 -9.18
N PRO A 242 -7.87 -21.25 -9.83
CA PRO A 242 -7.10 -22.33 -9.18
C PRO A 242 -5.66 -22.02 -8.81
N LYS A 243 -4.99 -21.19 -9.61
CA LYS A 243 -3.60 -20.85 -9.31
C LYS A 243 -3.51 -19.92 -8.11
N TYR A 244 -4.40 -18.93 -8.07
CA TYR A 244 -4.41 -17.99 -6.94
C TYR A 244 -4.83 -18.74 -5.68
N LEU A 245 -5.78 -19.66 -5.83
CA LEU A 245 -6.28 -20.42 -4.68
C LEU A 245 -5.18 -21.17 -3.96
N SER A 246 -4.30 -21.81 -4.72
CA SER A 246 -3.20 -22.57 -4.13
C SER A 246 -2.35 -21.67 -3.24
N ILE A 247 -2.11 -20.45 -3.71
CA ILE A 247 -1.29 -19.50 -2.97
C ILE A 247 -2.02 -18.96 -1.75
N VAL A 248 -3.32 -18.73 -1.89
CA VAL A 248 -4.12 -18.25 -0.76
C VAL A 248 -4.05 -19.29 0.36
N LYS A 249 -4.15 -20.56 0.00
CA LYS A 249 -4.08 -21.63 0.98
C LYS A 249 -2.71 -21.68 1.67
N GLU A 250 -1.67 -21.41 0.90
CA GLU A 250 -0.31 -21.43 1.43
C GLU A 250 -0.14 -20.37 2.51
N TYR A 251 -0.59 -19.16 2.21
CA TYR A 251 -0.46 -18.06 3.15
C TYR A 251 -1.37 -18.23 4.36
N ALA A 252 -2.54 -18.85 4.16
CA ALA A 252 -3.47 -19.08 5.25
C ALA A 252 -2.87 -20.09 6.22
N ASN A 253 -1.91 -20.86 5.74
CA ASN A 253 -1.28 -21.88 6.57
C ASN A 253 0.16 -21.61 6.96
N ASP A 254 0.67 -20.42 6.63
CA ASP A 254 2.04 -20.09 6.99
C ASP A 254 2.21 -18.60 7.16
N GLN A 255 2.03 -18.11 8.39
CA GLN A 255 2.15 -16.70 8.70
C GLN A 255 3.52 -16.13 8.37
N ASP A 256 4.57 -16.89 8.68
CA ASP A 256 5.93 -16.42 8.42
C ASP A 256 6.18 -16.28 6.92
N LYS A 257 5.72 -17.25 6.15
CA LYS A 257 5.90 -17.23 4.70
C LYS A 257 5.20 -16.01 4.12
N PHE A 258 3.98 -15.74 4.59
CA PHE A 258 3.25 -14.58 4.12
C PHE A 258 4.02 -13.29 4.44
N PHE A 259 4.50 -13.17 5.67
CA PHE A 259 5.24 -11.98 6.06
C PHE A 259 6.46 -11.77 5.15
N LYS A 260 7.23 -12.83 4.93
CA LYS A 260 8.41 -12.72 4.08
C LYS A 260 8.09 -12.34 2.64
N ASP A 261 7.09 -12.98 2.05
CA ASP A 261 6.72 -12.67 0.67
C ASP A 261 6.09 -11.27 0.55
N PHE A 262 5.28 -10.88 1.53
CA PHE A 262 4.66 -9.57 1.46
C PHE A 262 5.74 -8.49 1.55
N SER A 263 6.72 -8.71 2.42
CA SER A 263 7.80 -7.76 2.60
C SER A 263 8.53 -7.51 1.28
N LYS A 264 8.91 -8.59 0.59
CA LYS A 264 9.61 -8.46 -0.68
C LYS A 264 8.75 -7.78 -1.74
N ALA A 265 7.49 -8.19 -1.86
CA ALA A 265 6.60 -7.62 -2.87
C ALA A 265 6.26 -6.16 -2.62
N PHE A 266 6.13 -5.80 -1.35
CA PHE A 266 5.79 -4.42 -1.00
C PHE A 266 6.99 -3.51 -1.26
N GLU A 267 8.19 -3.97 -0.92
CA GLU A 267 9.35 -3.14 -1.17
C GLU A 267 9.51 -2.97 -2.69
N LYS A 268 9.30 -4.06 -3.42
CA LYS A 268 9.42 -4.02 -4.87
C LYS A 268 8.44 -3.02 -5.45
N LEU A 269 7.21 -3.07 -4.96
CA LEU A 269 6.15 -2.17 -5.41
C LEU A 269 6.57 -0.72 -5.20
N LEU A 270 7.09 -0.43 -4.01
CA LEU A 270 7.51 0.94 -3.68
C LEU A 270 8.79 1.38 -4.38
N GLU A 271 9.51 0.45 -4.99
CA GLU A 271 10.76 0.78 -5.68
C GLU A 271 10.69 0.68 -7.19
N ASN A 272 9.56 0.20 -7.72
CA ASN A 272 9.39 0.08 -9.16
C ASN A 272 9.70 1.40 -9.86
N GLY A 273 10.49 1.33 -10.93
CA GLY A 273 10.82 2.53 -11.69
C GLY A 273 12.06 3.28 -11.24
N ILE A 274 12.61 2.90 -10.08
CA ILE A 274 13.78 3.59 -9.56
C ILE A 274 15.10 2.86 -9.83
N THR A 275 16.10 3.62 -10.25
CA THR A 275 17.43 3.07 -10.52
C THR A 275 18.31 3.45 -9.34
N PHE A 276 18.82 2.46 -8.63
CA PHE A 276 19.69 2.71 -7.48
C PHE A 276 21.14 2.55 -7.88
N PRO A 277 21.94 3.62 -7.76
CA PRO A 277 23.35 3.54 -8.12
C PRO A 277 24.06 2.42 -7.37
N LYS A 278 25.13 1.90 -7.96
CA LYS A 278 25.90 0.81 -7.36
C LYS A 278 26.39 1.16 -5.95
N ASP A 279 26.69 2.44 -5.72
CA ASP A 279 27.19 2.87 -4.43
C ASP A 279 26.14 3.57 -3.56
N ALA A 280 24.87 3.29 -3.84
CA ALA A 280 23.79 3.89 -3.05
C ALA A 280 23.78 3.15 -1.71
N PRO A 281 23.22 3.77 -0.66
CA PRO A 281 23.20 3.09 0.64
C PRO A 281 22.39 1.80 0.55
N SER A 282 22.70 0.83 1.40
CA SER A 282 21.95 -0.41 1.42
C SER A 282 20.58 -0.07 1.95
N PRO A 283 19.57 -0.93 1.71
CA PRO A 283 18.22 -0.65 2.22
C PRO A 283 18.23 -0.51 3.73
N PHE A 284 17.41 0.40 4.25
CA PHE A 284 17.31 0.64 5.68
C PHE A 284 16.22 -0.23 6.29
N ILE A 285 16.48 -0.78 7.47
CA ILE A 285 15.47 -1.56 8.19
C ILE A 285 15.27 -0.79 9.49
N PHE A 286 14.15 -0.08 9.57
CA PHE A 286 13.86 0.73 10.75
C PHE A 286 13.32 -0.05 11.93
N LYS A 287 13.73 0.37 13.13
CA LYS A 287 13.28 -0.25 14.35
C LYS A 287 11.91 0.33 14.68
N THR A 288 11.02 -0.48 15.23
CA THR A 288 9.70 0.00 15.60
C THR A 288 9.84 0.82 16.89
N LEU A 289 8.81 1.57 17.25
CA LEU A 289 8.87 2.35 18.48
C LEU A 289 9.08 1.38 19.63
N GLU A 290 8.34 0.27 19.60
CA GLU A 290 8.42 -0.76 20.63
C GLU A 290 9.87 -1.27 20.79
N GLU A 291 10.54 -1.53 19.68
CA GLU A 291 11.91 -2.02 19.74
C GLU A 291 12.86 -0.98 20.34
N GLN A 292 12.51 0.30 20.20
CA GLN A 292 13.35 1.37 20.73
C GLN A 292 12.96 1.78 22.15
N GLY A 293 11.91 1.17 22.67
CA GLY A 293 11.46 1.51 24.01
C GLY A 293 10.83 2.88 24.04
N LEU A 294 10.28 3.30 22.91
CA LEU A 294 9.64 4.60 22.80
C LEU A 294 8.12 4.48 22.74
#